data_2DR7
#
_entry.id   2DR7
#
_cell.length_a   57.962
_cell.length_b   57.962
_cell.length_c   441.720
_cell.angle_alpha   90.00
_cell.angle_beta   90.00
_cell.angle_gamma   90.00
#
_symmetry.space_group_name_H-M   'P 43 21 2'
#
loop_
_entity.id
_entity.type
_entity.pdbx_description
1 polymer 'tRNA (33-MER)'
2 polymer 'CCA-adding enzyme'
3 non-polymer 'SULFATE ION'
4 water water
#
loop_
_entity_poly.entity_id
_entity_poly.type
_entity_poly.pdbx_seq_one_letter_code
_entity_poly.pdbx_strand_id
1 'polyribonucleotide' GGCCCGGGGCGGUUCGAUUCCGCCCUGGGCCAC B
2 'polypeptide(L)'
;MKVEEILEKALELVIPDEEEVRKGREAEEELRRRLDELGVEYVFVGSYARNTWLKGSLEIDVFLLFPEEFSKEELRERGL
EIGKAVLDSYEIRYAEHPYVHGVVKGVEVDVVPCYKLKEPKNIKSAVDRTPFHHKWLEGRIKGKENEVRLLKGFLKANGI
YGAEYKVRGFSGYLCELLIVFYGSFLETVKNARRWTRRTVIDVAKGEVRKGEEFFVVDPVDEKRNVAANLSLDNLARFVH
LCREFMEAPSLGFFKPKHPLEIEPERLRKIVEERGTAVFAVKFRKPDIVDDNLYPQLERASRKIFEFLERENFMPLRSAF
KASEEFCYLLFECQIKEISRVFRRMGPQFEDERNVKKFLSRNRAFRPFIENGRWWAFEMRKFTTPEEGVRSYASTHWHTL
GKNVGESIREYFEIISGEKLFKEPVTAELCEMMGVKD
;
A
#
# COMPACT_ATOMS: atom_id res chain seq x y z
N MET B 1 31.56 0.78 -13.83
CA MET B 1 30.36 1.61 -14.09
C MET B 1 29.26 0.86 -14.85
N LYS B 2 29.40 -0.47 -14.90
CA LYS B 2 28.41 -1.32 -15.56
C LYS B 2 27.66 -2.03 -14.43
N VAL B 3 26.57 -2.71 -14.79
CA VAL B 3 25.74 -3.41 -13.81
C VAL B 3 26.54 -4.07 -12.69
N GLU B 4 27.35 -5.07 -13.05
CA GLU B 4 28.17 -5.82 -12.08
C GLU B 4 28.85 -4.91 -11.06
N GLU B 5 29.49 -3.85 -11.55
CA GLU B 5 30.22 -2.90 -10.71
C GLU B 5 29.31 -2.24 -9.67
N ILE B 6 28.07 -1.95 -10.09
CA ILE B 6 27.09 -1.32 -9.21
C ILE B 6 26.58 -2.29 -8.15
N LEU B 7 26.10 -3.45 -8.59
CA LEU B 7 25.58 -4.44 -7.67
C LEU B 7 26.60 -4.74 -6.58
N GLU B 8 27.86 -4.47 -6.86
CA GLU B 8 28.95 -4.70 -5.92
C GLU B 8 28.90 -3.71 -4.76
N LYS B 9 28.84 -2.43 -5.10
CA LYS B 9 28.80 -1.37 -4.09
C LYS B 9 27.43 -1.33 -3.44
N ALA B 10 26.43 -1.88 -4.12
CA ALA B 10 25.07 -1.90 -3.61
C ALA B 10 24.94 -2.85 -2.42
N LEU B 11 25.65 -3.97 -2.49
CA LEU B 11 25.61 -4.94 -1.39
C LEU B 11 25.89 -4.21 -0.08
N GLU B 12 26.86 -3.30 -0.14
CA GLU B 12 27.28 -2.51 1.00
C GLU B 12 26.11 -1.86 1.76
N LEU B 13 25.05 -1.54 1.03
CA LEU B 13 23.87 -0.90 1.62
C LEU B 13 22.81 -1.88 2.10
N VAL B 14 22.75 -3.04 1.49
CA VAL B 14 21.73 -4.02 1.85
C VAL B 14 22.16 -5.13 2.79
N ILE B 15 23.43 -5.50 2.75
CA ILE B 15 23.92 -6.56 3.61
C ILE B 15 24.28 -6.02 4.98
N PRO B 16 23.85 -6.68 6.05
CA PRO B 16 24.14 -6.25 7.43
C PRO B 16 25.61 -6.48 7.73
N ASP B 17 26.23 -5.55 8.44
CA ASP B 17 27.64 -5.71 8.79
C ASP B 17 27.77 -6.63 10.01
N GLU B 18 29.01 -7.03 10.29
CA GLU B 18 29.32 -7.93 11.39
C GLU B 18 28.72 -7.57 12.74
N GLU B 19 28.74 -6.28 13.08
CA GLU B 19 28.18 -5.81 14.35
C GLU B 19 26.68 -6.07 14.43
N GLU B 20 25.96 -5.77 13.35
CA GLU B 20 24.52 -6.01 13.33
C GLU B 20 24.21 -7.51 13.29
N VAL B 21 25.06 -8.28 12.62
CA VAL B 21 24.87 -9.72 12.51
C VAL B 21 25.09 -10.36 13.88
N ARG B 22 26.19 -9.98 14.53
CA ARG B 22 26.52 -10.51 15.85
C ARG B 22 25.38 -10.22 16.82
N LYS B 23 24.95 -8.96 16.83
CA LYS B 23 23.87 -8.54 17.71
C LYS B 23 22.69 -9.50 17.60
N GLY B 24 22.39 -9.91 16.38
CA GLY B 24 21.27 -10.80 16.16
C GLY B 24 21.48 -12.23 16.61
N ARG B 25 22.70 -12.74 16.43
CA ARG B 25 23.03 -14.10 16.83
C ARG B 25 23.00 -14.22 18.35
N GLU B 26 23.70 -13.31 19.04
CA GLU B 26 23.74 -13.31 20.51
C GLU B 26 22.34 -13.19 21.08
N ALA B 27 21.44 -12.64 20.27
CA ALA B 27 20.04 -12.45 20.66
C ALA B 27 19.27 -13.74 20.41
N GLU B 28 19.49 -14.33 19.23
CA GLU B 28 18.84 -15.59 18.89
C GLU B 28 19.33 -16.61 19.91
N GLU B 29 20.60 -16.46 20.28
CA GLU B 29 21.23 -17.32 21.27
C GLU B 29 20.41 -17.30 22.56
N GLU B 30 20.39 -16.14 23.21
CA GLU B 30 19.67 -15.96 24.46
C GLU B 30 18.19 -16.35 24.34
N LEU B 31 17.58 -15.99 23.22
CA LEU B 31 16.19 -16.28 22.99
C LEU B 31 15.97 -17.80 23.03
N ARG B 32 16.91 -18.54 22.47
CA ARG B 32 16.85 -20.01 22.43
C ARG B 32 16.82 -20.56 23.84
N ARG B 33 17.83 -20.19 24.62
CA ARG B 33 17.95 -20.64 25.99
C ARG B 33 16.67 -20.44 26.79
N ARG B 34 16.21 -19.19 26.86
CA ARG B 34 15.01 -18.87 27.64
C ARG B 34 13.82 -19.76 27.29
N LEU B 35 13.71 -20.11 26.01
CA LEU B 35 12.61 -20.94 25.55
C LEU B 35 12.78 -22.40 25.91
N ASP B 36 14.04 -22.86 25.87
CA ASP B 36 14.32 -24.25 26.19
C ASP B 36 14.17 -24.45 27.70
N GLU B 37 14.51 -23.40 28.45
CA GLU B 37 14.40 -23.43 29.90
C GLU B 37 12.95 -23.63 30.29
N LEU B 38 12.03 -23.32 29.38
CA LEU B 38 10.61 -23.52 29.64
C LEU B 38 10.19 -24.69 28.77
N GLY B 39 11.17 -25.22 28.03
CA GLY B 39 10.92 -26.34 27.15
C GLY B 39 9.77 -26.14 26.20
N VAL B 40 9.74 -25.01 25.50
CA VAL B 40 8.65 -24.74 24.57
C VAL B 40 9.02 -25.18 23.16
N GLU B 41 8.03 -25.68 22.42
CA GLU B 41 8.27 -26.12 21.06
C GLU B 41 8.13 -24.89 20.14
N TYR B 42 9.26 -24.42 19.62
CA TYR B 42 9.29 -23.24 18.76
C TYR B 42 10.09 -23.42 17.45
N VAL B 43 9.94 -22.47 16.53
CA VAL B 43 10.65 -22.51 15.25
C VAL B 43 10.89 -21.14 14.65
N PHE B 44 12.13 -20.69 14.67
CA PHE B 44 12.48 -19.39 14.08
C PHE B 44 12.21 -19.42 12.58
N VAL B 45 11.57 -18.37 12.08
CA VAL B 45 11.25 -18.27 10.66
C VAL B 45 11.48 -16.83 10.21
N GLY B 46 11.06 -16.50 8.99
CA GLY B 46 11.24 -15.15 8.49
C GLY B 46 12.64 -14.87 8.00
N SER B 47 12.90 -13.64 7.59
CA SER B 47 14.20 -13.28 7.05
C SER B 47 15.39 -13.42 8.00
N TYR B 48 15.16 -13.41 9.31
CA TYR B 48 16.32 -13.57 10.19
C TYR B 48 16.75 -15.03 10.16
N ALA B 49 15.76 -15.92 10.15
CA ALA B 49 16.01 -17.34 10.14
C ALA B 49 16.76 -17.77 8.87
N ARG B 50 16.60 -17.02 7.78
CA ARG B 50 17.25 -17.38 6.53
C ARG B 50 18.29 -16.39 6.07
N ASN B 51 18.74 -15.52 6.97
CA ASN B 51 19.76 -14.52 6.64
C ASN B 51 19.41 -13.74 5.38
N THR B 52 18.13 -13.47 5.18
CA THR B 52 17.69 -12.72 4.01
C THR B 52 17.16 -11.36 4.46
N TRP B 53 17.56 -10.91 5.64
CA TRP B 53 17.06 -9.64 6.15
C TRP B 53 17.92 -8.47 5.71
N LEU B 54 17.26 -7.39 5.37
CA LEU B 54 17.88 -6.16 4.90
C LEU B 54 18.59 -5.37 6.00
N LYS B 55 19.81 -4.93 5.71
CA LYS B 55 20.61 -4.15 6.65
C LYS B 55 19.76 -3.08 7.34
N GLY B 56 19.68 -3.15 8.66
CA GLY B 56 18.90 -2.16 9.40
C GLY B 56 17.50 -2.63 9.74
N SER B 57 17.10 -3.78 9.23
CA SER B 57 15.77 -4.31 9.52
C SER B 57 15.83 -5.56 10.37
N LEU B 58 16.81 -5.61 11.27
CA LEU B 58 16.93 -6.77 12.13
C LEU B 58 15.68 -6.98 12.99
N GLU B 59 15.14 -8.18 12.96
CA GLU B 59 13.96 -8.52 13.75
C GLU B 59 13.82 -10.04 13.70
N ILE B 60 13.68 -10.66 14.86
CA ILE B 60 13.55 -12.11 14.95
C ILE B 60 12.12 -12.58 15.13
N ASP B 61 11.68 -13.49 14.27
CA ASP B 61 10.32 -14.01 14.38
C ASP B 61 10.37 -15.41 14.92
N VAL B 62 9.64 -15.64 16.01
CA VAL B 62 9.60 -16.94 16.66
C VAL B 62 8.17 -17.46 16.72
N PHE B 63 7.91 -18.55 16.01
CA PHE B 63 6.58 -19.14 15.99
C PHE B 63 6.51 -20.32 16.95
N LEU B 64 5.58 -20.25 17.90
CA LEU B 64 5.37 -21.30 18.87
C LEU B 64 4.45 -22.36 18.28
N LEU B 65 4.89 -23.61 18.29
CA LEU B 65 4.07 -24.69 17.73
C LEU B 65 3.16 -25.35 18.74
N PHE B 66 1.86 -25.33 18.44
CA PHE B 66 0.84 -25.91 19.29
C PHE B 66 0.08 -27.06 18.64
N PRO B 67 -0.37 -28.03 19.45
CA PRO B 67 -1.11 -29.17 18.92
C PRO B 67 -2.39 -28.76 18.19
N GLU B 68 -2.75 -29.53 17.18
CA GLU B 68 -3.95 -29.27 16.39
C GLU B 68 -5.23 -29.15 17.20
N GLU B 69 -5.31 -29.90 18.30
CA GLU B 69 -6.50 -29.90 19.15
C GLU B 69 -6.70 -28.68 20.02
N PHE B 70 -5.61 -28.02 20.42
CA PHE B 70 -5.73 -26.82 21.25
C PHE B 70 -6.75 -25.83 20.66
N SER B 71 -7.34 -25.03 21.55
CA SER B 71 -8.34 -24.06 21.14
C SER B 71 -7.75 -22.73 20.76
N LYS B 72 -8.50 -21.99 19.96
CA LYS B 72 -8.08 -20.66 19.53
C LYS B 72 -7.61 -19.88 20.76
N GLU B 73 -8.47 -19.81 21.77
CA GLU B 73 -8.19 -19.10 23.01
C GLU B 73 -6.93 -19.62 23.72
N GLU B 74 -6.79 -20.94 23.78
CA GLU B 74 -5.63 -21.56 24.42
C GLU B 74 -4.32 -21.02 23.87
N LEU B 75 -4.19 -20.98 22.55
CA LEU B 75 -2.98 -20.51 21.91
C LEU B 75 -2.62 -19.07 22.28
N ARG B 76 -3.60 -18.18 22.28
CA ARG B 76 -3.30 -16.81 22.62
C ARG B 76 -2.86 -16.66 24.08
N GLU B 77 -3.60 -17.30 24.99
CA GLU B 77 -3.26 -17.23 26.42
C GLU B 77 -1.85 -17.76 26.69
N ARG B 78 -1.58 -18.99 26.25
CA ARG B 78 -0.28 -19.60 26.45
C ARG B 78 0.81 -18.86 25.67
N GLY B 79 0.44 -18.35 24.48
CA GLY B 79 1.39 -17.63 23.66
C GLY B 79 1.79 -16.37 24.40
N LEU B 80 0.81 -15.77 25.06
CA LEU B 80 1.02 -14.55 25.84
C LEU B 80 1.92 -14.85 27.04
N GLU B 81 1.61 -15.94 27.74
CA GLU B 81 2.39 -16.34 28.90
C GLU B 81 3.85 -16.53 28.49
N ILE B 82 4.05 -17.38 27.48
CA ILE B 82 5.38 -17.67 26.96
C ILE B 82 6.08 -16.38 26.53
N GLY B 83 5.43 -15.63 25.66
CA GLY B 83 6.02 -14.38 25.20
C GLY B 83 6.40 -13.49 26.36
N LYS B 84 5.52 -13.43 27.35
CA LYS B 84 5.73 -12.62 28.54
C LYS B 84 7.00 -13.05 29.26
N ALA B 85 7.07 -14.34 29.58
CA ALA B 85 8.20 -14.92 30.30
C ALA B 85 9.55 -14.77 29.63
N VAL B 86 9.58 -14.88 28.30
CA VAL B 86 10.85 -14.81 27.57
C VAL B 86 11.33 -13.46 27.10
N LEU B 87 10.43 -12.48 27.01
CA LEU B 87 10.82 -11.17 26.52
C LEU B 87 11.18 -10.17 27.61
N ASP B 88 12.28 -9.45 27.41
CA ASP B 88 12.72 -8.43 28.36
C ASP B 88 11.53 -7.47 28.54
N SER B 89 11.19 -6.76 27.47
CA SER B 89 10.06 -5.82 27.44
C SER B 89 9.07 -6.41 26.46
N TYR B 90 7.78 -6.22 26.69
CA TYR B 90 6.82 -6.75 25.74
C TYR B 90 5.73 -5.75 25.39
N GLU B 91 4.70 -6.23 24.70
CA GLU B 91 3.60 -5.37 24.27
C GLU B 91 2.73 -6.18 23.33
N ILE B 92 1.57 -6.60 23.81
CA ILE B 92 0.65 -7.35 22.97
C ILE B 92 0.43 -6.55 21.71
N ARG B 93 0.48 -7.22 20.56
CA ARG B 93 0.27 -6.58 19.27
C ARG B 93 -0.90 -7.32 18.61
N TYR B 94 -1.35 -6.86 17.45
CA TYR B 94 -2.46 -7.54 16.80
C TYR B 94 -2.36 -7.56 15.28
N ALA B 95 -3.08 -8.51 14.69
CA ALA B 95 -3.19 -8.73 13.25
C ALA B 95 -4.27 -9.80 13.11
N GLU B 96 -4.02 -10.83 12.31
CA GLU B 96 -5.01 -11.88 12.16
C GLU B 96 -5.48 -12.33 13.56
N HIS B 97 -4.51 -12.42 14.49
CA HIS B 97 -4.74 -12.81 15.88
C HIS B 97 -3.80 -12.01 16.77
N PRO B 98 -4.07 -11.96 18.08
CA PRO B 98 -3.15 -11.19 18.92
C PRO B 98 -1.84 -11.97 19.06
N TYR B 99 -0.76 -11.25 19.29
CA TYR B 99 0.54 -11.88 19.44
C TYR B 99 1.42 -11.00 20.29
N VAL B 100 2.62 -11.49 20.62
CA VAL B 100 3.52 -10.73 21.46
C VAL B 100 4.74 -10.25 20.72
N HIS B 101 5.11 -8.99 20.97
CA HIS B 101 6.26 -8.37 20.33
C HIS B 101 7.14 -7.81 21.44
N GLY B 102 8.45 -7.86 21.28
CA GLY B 102 9.33 -7.35 22.32
C GLY B 102 10.77 -7.21 21.92
N VAL B 103 11.66 -7.15 22.91
CA VAL B 103 13.09 -7.00 22.66
C VAL B 103 13.99 -7.87 23.56
N VAL B 104 14.93 -8.59 22.94
CA VAL B 104 15.87 -9.44 23.67
C VAL B 104 17.29 -8.96 23.34
N LYS B 105 18.11 -8.71 24.35
CA LYS B 105 19.46 -8.22 24.14
C LYS B 105 19.55 -7.15 23.07
N GLY B 106 18.62 -6.20 23.13
CA GLY B 106 18.59 -5.10 22.19
C GLY B 106 17.99 -5.31 20.82
N VAL B 107 17.26 -6.40 20.58
CA VAL B 107 16.69 -6.60 19.26
C VAL B 107 15.20 -6.95 19.26
N GLU B 108 14.51 -6.43 18.24
CA GLU B 108 13.08 -6.63 18.04
C GLU B 108 12.74 -8.10 17.90
N VAL B 109 11.75 -8.56 18.64
CA VAL B 109 11.35 -9.96 18.56
C VAL B 109 9.84 -10.08 18.47
N ASP B 110 9.40 -11.00 17.62
CA ASP B 110 7.98 -11.27 17.43
C ASP B 110 7.74 -12.69 17.90
N VAL B 111 6.82 -12.86 18.83
CA VAL B 111 6.49 -14.18 19.33
C VAL B 111 5.06 -14.50 18.95
N VAL B 112 4.90 -15.24 17.86
CA VAL B 112 3.59 -15.61 17.34
C VAL B 112 3.23 -17.06 17.66
N PRO B 113 1.95 -17.32 17.93
CA PRO B 113 1.52 -18.68 18.24
C PRO B 113 0.86 -19.25 16.99
N CYS B 114 0.95 -20.56 16.78
CA CYS B 114 0.31 -21.18 15.62
C CYS B 114 0.24 -22.70 15.80
N TYR B 115 -0.53 -23.35 14.92
CA TYR B 115 -0.70 -24.80 14.97
C TYR B 115 0.37 -25.61 14.26
N LYS B 116 1.02 -26.52 14.99
CA LYS B 116 2.03 -27.39 14.40
C LYS B 116 1.27 -28.41 13.55
N LEU B 117 1.50 -28.39 12.24
CA LEU B 117 0.80 -29.31 11.34
C LEU B 117 1.72 -29.90 10.28
N LYS B 118 1.11 -30.65 9.37
CA LYS B 118 1.84 -31.21 8.24
C LYS B 118 0.87 -31.21 7.06
N GLU B 119 1.35 -30.71 5.93
CA GLU B 119 0.56 -30.61 4.71
C GLU B 119 -0.32 -29.37 4.79
N PRO B 120 -0.13 -28.44 3.85
CA PRO B 120 -0.83 -27.16 3.70
C PRO B 120 -2.31 -27.13 4.09
N LYS B 121 -3.06 -28.20 3.78
CA LYS B 121 -4.47 -28.22 4.15
C LYS B 121 -4.52 -28.24 5.68
N ASN B 122 -5.73 -28.31 6.25
CA ASN B 122 -5.91 -28.33 7.70
C ASN B 122 -5.61 -26.95 8.29
N ILE B 123 -4.86 -26.15 7.53
CA ILE B 123 -4.47 -24.81 7.93
C ILE B 123 -5.70 -24.03 8.39
N LYS B 124 -5.57 -23.34 9.53
CA LYS B 124 -6.70 -22.58 10.07
C LYS B 124 -6.55 -21.08 9.92
N SER B 125 -5.32 -20.58 9.99
CA SER B 125 -5.03 -19.16 9.87
C SER B 125 -3.72 -18.91 9.12
N ALA B 126 -3.68 -17.83 8.37
CA ALA B 126 -2.49 -17.48 7.61
C ALA B 126 -1.20 -17.66 8.43
N VAL B 127 -1.29 -17.55 9.75
CA VAL B 127 -0.09 -17.70 10.57
C VAL B 127 0.41 -19.14 10.55
N ASP B 128 -0.47 -20.06 10.18
CA ASP B 128 -0.12 -21.47 10.13
C ASP B 128 0.62 -21.80 8.85
N ARG B 129 0.38 -21.00 7.82
CA ARG B 129 1.01 -21.19 6.52
C ARG B 129 2.45 -20.71 6.56
N THR B 130 2.78 -19.89 7.55
CA THR B 130 4.12 -19.37 7.67
C THR B 130 5.19 -20.45 7.86
N PRO B 131 4.94 -21.44 8.73
CA PRO B 131 6.00 -22.45 8.88
C PRO B 131 6.25 -23.20 7.56
N PHE B 132 5.18 -23.49 6.82
CA PHE B 132 5.32 -24.18 5.55
C PHE B 132 6.09 -23.33 4.55
N HIS B 133 5.77 -22.05 4.49
CA HIS B 133 6.48 -21.17 3.59
C HIS B 133 7.94 -21.27 3.98
N HIS B 134 8.21 -21.18 5.27
CA HIS B 134 9.58 -21.24 5.73
C HIS B 134 10.30 -22.51 5.31
N LYS B 135 9.64 -23.67 5.44
CA LYS B 135 10.28 -24.92 5.08
C LYS B 135 10.65 -24.97 3.61
N TRP B 136 9.69 -24.61 2.77
CA TRP B 136 9.89 -24.64 1.34
C TRP B 136 11.05 -23.76 0.92
N LEU B 137 11.29 -22.70 1.69
CA LEU B 137 12.33 -21.74 1.37
C LEU B 137 13.74 -21.97 1.92
N GLU B 138 13.87 -22.51 3.13
CA GLU B 138 15.20 -22.70 3.70
C GLU B 138 16.16 -23.50 2.84
N GLY B 139 15.66 -24.58 2.23
CA GLY B 139 16.52 -25.37 1.38
C GLY B 139 16.86 -24.69 0.05
N ARG B 140 15.84 -24.10 -0.58
CA ARG B 140 16.04 -23.47 -1.88
C ARG B 140 16.71 -22.11 -1.93
N ILE B 141 16.65 -21.33 -0.87
CA ILE B 141 17.24 -20.00 -0.92
C ILE B 141 18.67 -19.95 -0.41
N LYS B 142 19.09 -20.99 0.28
CA LYS B 142 20.43 -21.05 0.83
C LYS B 142 21.43 -20.67 -0.29
N GLY B 143 22.34 -19.76 0.01
CA GLY B 143 23.33 -19.34 -0.96
C GLY B 143 22.96 -18.15 -1.83
N LYS B 144 21.70 -17.71 -1.76
CA LYS B 144 21.25 -16.58 -2.57
C LYS B 144 20.76 -15.41 -1.73
N GLU B 145 20.99 -15.50 -0.42
CA GLU B 145 20.56 -14.45 0.49
C GLU B 145 20.90 -13.04 0.07
N ASN B 146 22.11 -12.82 -0.44
CA ASN B 146 22.46 -11.47 -0.85
C ASN B 146 21.69 -11.05 -2.10
N GLU B 147 21.26 -12.02 -2.90
CA GLU B 147 20.47 -11.69 -4.08
C GLU B 147 19.12 -11.19 -3.57
N VAL B 148 18.62 -11.81 -2.50
CA VAL B 148 17.36 -11.41 -1.89
C VAL B 148 17.46 -9.97 -1.37
N ARG B 149 18.57 -9.68 -0.71
CA ARG B 149 18.78 -8.36 -0.15
C ARG B 149 18.87 -7.26 -1.19
N LEU B 150 19.47 -7.54 -2.33
CA LEU B 150 19.57 -6.52 -3.37
C LEU B 150 18.17 -6.17 -3.83
N LEU B 151 17.35 -7.19 -4.06
CA LEU B 151 15.99 -7.00 -4.53
C LEU B 151 15.18 -6.21 -3.49
N LYS B 152 15.31 -6.58 -2.21
CA LYS B 152 14.58 -5.87 -1.17
C LYS B 152 15.09 -4.44 -1.10
N GLY B 153 16.40 -4.27 -1.18
CA GLY B 153 16.97 -2.93 -1.10
C GLY B 153 16.53 -2.05 -2.27
N PHE B 154 16.39 -2.70 -3.42
CA PHE B 154 15.99 -2.04 -4.66
C PHE B 154 14.52 -1.57 -4.53
N LEU B 155 13.63 -2.50 -4.15
CA LEU B 155 12.22 -2.21 -3.99
C LEU B 155 11.94 -1.20 -2.87
N LYS B 156 12.69 -1.33 -1.77
CA LYS B 156 12.54 -0.44 -0.63
C LYS B 156 12.94 0.99 -0.97
N ALA B 157 14.08 1.15 -1.64
CA ALA B 157 14.55 2.47 -2.00
C ALA B 157 13.55 3.18 -2.91
N ASN B 158 12.77 2.41 -3.66
CA ASN B 158 11.81 3.03 -4.56
C ASN B 158 10.38 2.99 -4.05
N GLY B 159 10.25 2.98 -2.71
CA GLY B 159 8.95 3.01 -2.06
C GLY B 159 7.95 1.91 -2.31
N ILE B 160 8.41 0.77 -2.81
CA ILE B 160 7.48 -0.32 -3.07
C ILE B 160 7.86 -1.66 -2.45
N TYR B 161 8.54 -1.62 -1.30
CA TYR B 161 8.90 -2.86 -0.66
C TYR B 161 7.72 -3.56 -0.01
N GLY B 162 7.36 -3.23 1.21
CA GLY B 162 6.25 -3.94 1.85
C GLY B 162 4.95 -4.28 1.14
N ALA B 163 4.20 -5.24 1.68
CA ALA B 163 2.90 -5.63 1.10
C ALA B 163 1.68 -5.11 1.90
N GLU B 164 1.91 -4.32 2.96
CA GLU B 164 0.79 -3.78 3.72
C GLU B 164 0.06 -2.73 2.87
N TYR B 165 -1.14 -2.36 3.26
CA TYR B 165 -1.93 -1.42 2.48
C TYR B 165 -1.34 -0.04 2.31
N LYS B 166 -0.44 0.35 3.20
CA LYS B 166 0.17 1.65 3.08
C LYS B 166 1.11 1.67 1.86
N VAL B 167 1.62 0.50 1.48
CA VAL B 167 2.56 0.36 0.38
C VAL B 167 2.02 -0.38 -0.85
N ARG B 168 1.34 -1.49 -0.65
CA ARG B 168 0.82 -2.28 -1.76
C ARG B 168 1.93 -2.72 -2.74
N GLY B 169 3.05 -3.15 -2.18
CA GLY B 169 4.17 -3.58 -2.99
C GLY B 169 4.47 -5.06 -2.93
N PHE B 170 5.75 -5.40 -2.90
CA PHE B 170 6.21 -6.78 -2.86
C PHE B 170 6.53 -7.25 -1.44
N SER B 171 5.89 -8.31 -0.98
CA SER B 171 6.21 -8.81 0.36
C SER B 171 7.61 -9.45 0.31
N GLY B 172 8.20 -9.66 1.48
CA GLY B 172 9.51 -10.28 1.53
C GLY B 172 9.47 -11.70 0.99
N TYR B 173 8.41 -12.44 1.33
CA TYR B 173 8.25 -13.81 0.86
C TYR B 173 8.21 -13.83 -0.66
N LEU B 174 7.59 -12.82 -1.25
CA LEU B 174 7.51 -12.75 -2.69
C LEU B 174 8.91 -12.56 -3.26
N CYS B 175 9.68 -11.70 -2.62
CA CYS B 175 11.04 -11.42 -3.08
C CYS B 175 11.89 -12.70 -3.07
N GLU B 176 11.74 -13.50 -2.02
CA GLU B 176 12.50 -14.73 -1.95
C GLU B 176 12.03 -15.73 -3.01
N LEU B 177 10.74 -15.72 -3.31
CA LEU B 177 10.24 -16.62 -4.34
C LEU B 177 10.79 -16.19 -5.70
N LEU B 178 10.89 -14.88 -5.91
CA LEU B 178 11.38 -14.39 -7.19
C LEU B 178 12.83 -14.80 -7.41
N ILE B 179 13.64 -14.75 -6.36
CA ILE B 179 15.04 -15.13 -6.46
C ILE B 179 15.14 -16.62 -6.75
N VAL B 180 14.38 -17.41 -6.02
CA VAL B 180 14.42 -18.84 -6.24
C VAL B 180 14.07 -19.14 -7.69
N PHE B 181 13.17 -18.35 -8.24
CA PHE B 181 12.71 -18.55 -9.61
C PHE B 181 13.74 -18.13 -10.65
N TYR B 182 14.19 -16.88 -10.59
CA TYR B 182 15.15 -16.35 -11.55
C TYR B 182 16.63 -16.58 -11.23
N GLY B 183 16.93 -17.03 -10.03
CA GLY B 183 18.31 -17.30 -9.67
C GLY B 183 19.10 -16.16 -9.06
N SER B 184 18.77 -14.92 -9.42
CA SER B 184 19.48 -13.77 -8.88
C SER B 184 18.72 -12.47 -9.09
N PHE B 185 19.23 -11.39 -8.50
CA PHE B 185 18.59 -10.08 -8.63
C PHE B 185 18.65 -9.54 -10.05
N LEU B 186 19.80 -9.67 -10.70
CA LEU B 186 19.92 -9.18 -12.06
C LEU B 186 18.99 -9.97 -12.99
N GLU B 187 18.95 -11.29 -12.82
CA GLU B 187 18.08 -12.10 -13.66
C GLU B 187 16.63 -11.77 -13.43
N THR B 188 16.30 -11.41 -12.19
CA THR B 188 14.93 -11.06 -11.85
C THR B 188 14.61 -9.74 -12.54
N VAL B 189 15.53 -8.78 -12.40
CA VAL B 189 15.35 -7.47 -13.01
C VAL B 189 15.26 -7.54 -14.53
N LYS B 190 16.16 -8.31 -15.15
CA LYS B 190 16.16 -8.43 -16.61
C LYS B 190 14.85 -8.97 -17.15
N ASN B 191 14.28 -9.97 -16.48
CA ASN B 191 13.03 -10.56 -16.92
C ASN B 191 11.79 -9.75 -16.56
N ALA B 192 11.81 -9.11 -15.38
CA ALA B 192 10.68 -8.32 -14.95
C ALA B 192 10.31 -7.33 -16.05
N ARG B 193 11.31 -6.90 -16.82
CA ARG B 193 11.10 -5.96 -17.92
C ARG B 193 10.03 -6.40 -18.92
N ARG B 194 9.83 -7.71 -19.04
CA ARG B 194 8.84 -8.26 -19.97
C ARG B 194 7.56 -8.68 -19.23
N TRP B 195 7.43 -8.28 -17.98
CA TRP B 195 6.25 -8.62 -17.19
C TRP B 195 5.04 -7.82 -17.72
N THR B 196 3.84 -8.38 -17.56
CA THR B 196 2.64 -7.67 -17.97
C THR B 196 1.64 -7.81 -16.86
N ARG B 197 0.48 -7.16 -17.00
CA ARG B 197 -0.56 -7.23 -15.99
C ARG B 197 -1.25 -8.59 -16.07
N ARG B 198 -0.91 -9.37 -17.09
CA ARG B 198 -1.51 -10.69 -17.27
C ARG B 198 -0.52 -11.82 -16.97
N THR B 199 0.69 -11.46 -16.55
CA THR B 199 1.72 -12.44 -16.25
C THR B 199 1.48 -13.30 -15.02
N VAL B 200 1.72 -14.61 -15.15
CA VAL B 200 1.56 -15.53 -14.05
C VAL B 200 2.85 -16.31 -13.84
N ILE B 201 3.43 -16.16 -12.66
CA ILE B 201 4.66 -16.86 -12.32
C ILE B 201 4.31 -18.01 -11.40
N ASP B 202 4.72 -19.22 -11.78
CA ASP B 202 4.44 -20.42 -10.99
C ASP B 202 5.76 -21.10 -10.59
N VAL B 203 6.23 -20.78 -9.40
CA VAL B 203 7.48 -21.32 -8.89
C VAL B 203 7.51 -22.83 -8.84
N ALA B 204 6.47 -23.41 -8.27
CA ALA B 204 6.38 -24.86 -8.15
C ALA B 204 6.54 -25.55 -9.51
N LYS B 205 5.88 -25.03 -10.53
CA LYS B 205 5.99 -25.64 -11.85
C LYS B 205 7.14 -25.07 -12.66
N GLY B 206 7.86 -24.11 -12.08
CA GLY B 206 8.98 -23.49 -12.78
C GLY B 206 8.52 -22.93 -14.12
N GLU B 207 7.33 -22.35 -14.14
CA GLU B 207 6.75 -21.84 -15.38
C GLU B 207 6.21 -20.40 -15.34
N VAL B 208 6.13 -19.79 -16.51
CA VAL B 208 5.60 -18.43 -16.67
C VAL B 208 4.54 -18.49 -17.75
N ARG B 209 3.30 -18.20 -17.40
CA ARG B 209 2.23 -18.21 -18.39
C ARG B 209 1.38 -16.94 -18.33
N LYS B 210 0.35 -16.90 -19.18
CA LYS B 210 -0.55 -15.76 -19.26
C LYS B 210 -1.78 -16.08 -18.42
N GLY B 211 -2.29 -15.09 -17.70
CA GLY B 211 -3.47 -15.29 -16.87
C GLY B 211 -4.39 -14.09 -16.99
N GLU B 212 -5.34 -13.98 -16.07
CA GLU B 212 -6.27 -12.86 -16.10
C GLU B 212 -5.74 -11.69 -15.30
N GLU B 213 -4.70 -11.96 -14.51
CA GLU B 213 -4.08 -10.94 -13.67
C GLU B 213 -2.68 -11.37 -13.24
N PHE B 214 -1.90 -10.44 -12.70
CA PHE B 214 -0.54 -10.75 -12.24
C PHE B 214 -0.67 -11.74 -11.09
N PHE B 215 -0.18 -12.95 -11.30
CA PHE B 215 -0.33 -13.98 -10.30
C PHE B 215 0.94 -14.79 -10.04
N VAL B 216 1.44 -14.69 -8.82
CA VAL B 216 2.62 -15.42 -8.42
C VAL B 216 2.09 -16.52 -7.52
N VAL B 217 1.80 -17.69 -8.10
CA VAL B 217 1.24 -18.79 -7.32
C VAL B 217 2.14 -19.34 -6.24
N ASP B 218 1.60 -19.37 -5.03
CA ASP B 218 2.29 -19.83 -3.83
C ASP B 218 2.74 -21.30 -3.97
N PRO B 219 4.04 -21.59 -3.77
CA PRO B 219 4.54 -22.97 -3.88
C PRO B 219 3.79 -23.88 -2.91
N VAL B 220 3.42 -23.31 -1.77
CA VAL B 220 2.73 -24.04 -0.72
C VAL B 220 1.22 -24.15 -0.93
N ASP B 221 0.63 -23.28 -1.76
CA ASP B 221 -0.82 -23.34 -2.02
C ASP B 221 -1.17 -22.78 -3.40
N GLU B 222 -1.20 -23.65 -4.39
CA GLU B 222 -1.49 -23.26 -5.77
C GLU B 222 -2.65 -22.30 -6.01
N LYS B 223 -3.54 -22.14 -5.03
CA LYS B 223 -4.68 -21.25 -5.22
C LYS B 223 -4.46 -19.82 -4.72
N ARG B 224 -3.41 -19.65 -3.91
CA ARG B 224 -3.08 -18.36 -3.33
C ARG B 224 -2.07 -17.57 -4.17
N ASN B 225 -2.36 -16.28 -4.36
CA ASN B 225 -1.48 -15.41 -5.12
C ASN B 225 -0.63 -14.61 -4.14
N VAL B 226 0.68 -14.81 -4.19
CA VAL B 226 1.59 -14.13 -3.27
C VAL B 226 1.66 -12.63 -3.55
N ALA B 227 1.44 -12.25 -4.81
CA ALA B 227 1.48 -10.84 -5.21
C ALA B 227 0.04 -10.28 -5.28
N ALA B 228 -0.86 -10.90 -4.52
CA ALA B 228 -2.26 -10.52 -4.48
C ALA B 228 -2.47 -9.03 -4.18
N ASN B 229 -1.78 -8.52 -3.18
CA ASN B 229 -1.94 -7.13 -2.82
C ASN B 229 -0.96 -6.17 -3.50
N LEU B 230 -0.25 -6.65 -4.52
CA LEU B 230 0.67 -5.77 -5.27
C LEU B 230 -0.26 -5.01 -6.19
N SER B 231 -0.17 -3.68 -6.20
CA SER B 231 -1.08 -2.89 -7.04
C SER B 231 -0.61 -2.75 -8.48
N LEU B 232 -1.58 -2.64 -9.37
CA LEU B 232 -1.30 -2.51 -10.78
C LEU B 232 -0.27 -1.42 -11.06
N ASP B 233 -0.45 -0.22 -10.50
CA ASP B 233 0.51 0.84 -10.76
C ASP B 233 1.87 0.58 -10.14
N ASN B 234 1.90 -0.18 -9.05
CA ASN B 234 3.17 -0.50 -8.40
C ASN B 234 3.91 -1.56 -9.21
N LEU B 235 3.16 -2.42 -9.88
CA LEU B 235 3.75 -3.44 -10.72
C LEU B 235 4.37 -2.71 -11.91
N ALA B 236 3.65 -1.70 -12.40
CA ALA B 236 4.09 -0.90 -13.54
C ALA B 236 5.36 -0.14 -13.20
N ARG B 237 5.40 0.46 -12.02
CA ARG B 237 6.58 1.20 -11.61
C ARG B 237 7.80 0.29 -11.58
N PHE B 238 7.63 -0.91 -11.03
CA PHE B 238 8.72 -1.86 -10.95
C PHE B 238 9.22 -2.22 -12.33
N VAL B 239 8.30 -2.62 -13.20
CA VAL B 239 8.66 -2.98 -14.56
C VAL B 239 9.42 -1.83 -15.21
N HIS B 240 8.91 -0.61 -15.03
CA HIS B 240 9.58 0.55 -15.60
C HIS B 240 10.92 0.84 -14.92
N LEU B 241 11.01 0.57 -13.62
CA LEU B 241 12.27 0.78 -12.91
C LEU B 241 13.31 -0.21 -13.40
N CYS B 242 12.87 -1.43 -13.70
CA CYS B 242 13.78 -2.46 -14.18
C CYS B 242 14.34 -2.11 -15.55
N ARG B 243 13.50 -1.56 -16.41
CA ARG B 243 13.96 -1.19 -17.75
C ARG B 243 15.02 -0.09 -17.64
N GLU B 244 14.70 0.95 -16.87
CA GLU B 244 15.64 2.05 -16.70
C GLU B 244 16.93 1.60 -16.03
N PHE B 245 16.82 0.69 -15.08
CA PHE B 245 18.01 0.25 -14.40
C PHE B 245 18.93 -0.48 -15.36
N MET B 246 18.36 -1.35 -16.18
CA MET B 246 19.17 -2.09 -17.13
C MET B 246 19.75 -1.16 -18.18
N GLU B 247 19.12 -0.01 -18.34
CA GLU B 247 19.59 0.96 -19.32
C GLU B 247 20.74 1.80 -18.78
N ALA B 248 20.55 2.36 -17.59
CA ALA B 248 21.60 3.18 -16.97
C ALA B 248 21.76 2.80 -15.49
N PRO B 249 22.41 1.66 -15.25
CA PRO B 249 22.65 1.17 -13.88
C PRO B 249 23.23 2.30 -13.05
N SER B 250 22.82 2.38 -11.79
CA SER B 250 23.30 3.42 -10.89
C SER B 250 23.12 2.97 -9.47
N LEU B 251 24.01 3.40 -8.58
CA LEU B 251 23.90 3.02 -7.19
C LEU B 251 22.66 3.72 -6.65
N GLY B 252 22.32 4.82 -7.30
CA GLY B 252 21.16 5.60 -6.90
C GLY B 252 19.86 4.82 -6.83
N PHE B 253 19.76 3.72 -7.57
CA PHE B 253 18.55 2.93 -7.52
C PHE B 253 18.40 2.20 -6.20
N PHE B 254 19.43 2.23 -5.37
CA PHE B 254 19.33 1.55 -4.08
C PHE B 254 19.31 2.52 -2.91
N LYS B 255 19.45 3.80 -3.22
CA LYS B 255 19.45 4.84 -2.19
C LYS B 255 18.11 5.56 -2.11
N PRO B 256 17.56 5.69 -0.88
CA PRO B 256 16.27 6.36 -0.65
C PRO B 256 16.27 7.79 -1.17
N LYS B 257 15.25 8.15 -1.94
CA LYS B 257 15.14 9.48 -2.52
C LYS B 257 14.99 10.56 -1.45
N HIS B 258 15.72 11.66 -1.62
CA HIS B 258 15.69 12.78 -0.69
C HIS B 258 14.32 13.46 -0.66
N PRO B 259 13.79 13.75 0.55
CA PRO B 259 12.49 14.40 0.72
C PRO B 259 12.30 15.58 -0.22
N LEU B 260 13.41 16.24 -0.56
CA LEU B 260 13.45 17.40 -1.45
C LEU B 260 12.32 18.42 -1.24
N GLU B 261 12.13 18.84 0.01
CA GLU B 261 11.09 19.81 0.36
C GLU B 261 11.20 21.04 -0.54
N ILE B 262 10.13 21.81 -0.63
CA ILE B 262 10.08 22.98 -1.49
C ILE B 262 9.51 24.17 -0.74
N GLU B 263 9.86 25.39 -1.14
CA GLU B 263 9.31 26.55 -0.45
C GLU B 263 7.90 26.83 -0.95
N PRO B 264 6.96 27.02 0.00
CA PRO B 264 5.57 27.27 -0.36
C PRO B 264 5.42 28.34 -1.44
N GLU B 265 6.38 29.25 -1.52
CA GLU B 265 6.33 30.30 -2.51
C GLU B 265 6.39 29.74 -3.92
N ARG B 266 7.39 28.90 -4.18
CA ARG B 266 7.53 28.29 -5.49
C ARG B 266 6.29 27.45 -5.80
N LEU B 267 5.80 26.75 -4.78
CA LEU B 267 4.62 25.93 -4.96
C LEU B 267 3.44 26.80 -5.37
N ARG B 268 3.28 27.94 -4.69
CA ARG B 268 2.18 28.85 -5.02
C ARG B 268 2.29 29.28 -6.48
N LYS B 269 3.50 29.62 -6.92
CA LYS B 269 3.72 30.04 -8.31
C LYS B 269 3.33 28.93 -9.28
N ILE B 270 3.74 27.70 -8.99
CA ILE B 270 3.43 26.58 -9.86
C ILE B 270 1.92 26.44 -10.05
N VAL B 271 1.17 26.41 -8.96
CA VAL B 271 -0.28 26.29 -9.04
C VAL B 271 -0.89 27.43 -9.84
N GLU B 272 -0.24 28.58 -9.79
CA GLU B 272 -0.70 29.76 -10.52
C GLU B 272 -0.47 29.49 -12.01
N GLU B 273 0.71 28.97 -12.33
CA GLU B 273 1.08 28.63 -13.70
C GLU B 273 0.13 27.55 -14.26
N ARG B 274 -0.39 26.71 -13.36
CA ARG B 274 -1.29 25.62 -13.75
C ARG B 274 -2.72 26.11 -13.99
N GLY B 275 -3.10 27.18 -13.28
CA GLY B 275 -4.42 27.76 -13.40
C GLY B 275 -5.49 26.82 -12.93
N THR B 276 -5.11 25.88 -12.09
CA THR B 276 -6.05 24.89 -11.60
C THR B 276 -6.55 25.15 -10.18
N ALA B 277 -7.55 24.39 -9.76
CA ALA B 277 -8.08 24.50 -8.41
C ALA B 277 -7.42 23.40 -7.58
N VAL B 278 -6.61 23.80 -6.61
CA VAL B 278 -5.92 22.85 -5.75
C VAL B 278 -6.48 23.03 -4.35
N PHE B 279 -7.04 21.96 -3.79
CA PHE B 279 -7.61 22.06 -2.45
C PHE B 279 -7.62 20.75 -1.67
N ALA B 280 -7.82 20.83 -0.37
CA ALA B 280 -7.83 19.62 0.43
C ALA B 280 -8.96 19.54 1.42
N VAL B 281 -9.34 18.30 1.73
CA VAL B 281 -10.36 18.04 2.71
C VAL B 281 -9.54 17.61 3.92
N LYS B 282 -9.65 18.38 5.01
CA LYS B 282 -8.91 18.07 6.22
C LYS B 282 -9.87 17.66 7.30
N PHE B 283 -9.58 16.54 7.95
CA PHE B 283 -10.41 16.02 9.04
C PHE B 283 -9.48 15.36 10.05
N ARG B 284 -10.01 14.97 11.20
CA ARG B 284 -9.17 14.35 12.22
C ARG B 284 -8.96 12.86 11.95
N LYS B 285 -7.72 12.43 12.02
CA LYS B 285 -7.36 11.04 11.78
C LYS B 285 -7.99 10.07 12.79
N PRO B 286 -8.70 9.04 12.29
CA PRO B 286 -9.30 8.06 13.19
C PRO B 286 -8.18 7.32 13.93
N ASP B 287 -8.46 6.88 15.16
CA ASP B 287 -7.47 6.14 15.93
C ASP B 287 -7.58 4.65 15.57
N ILE B 288 -7.14 4.32 14.35
CA ILE B 288 -7.16 2.95 13.84
C ILE B 288 -5.81 2.68 13.19
N VAL B 289 -5.52 1.40 12.90
CA VAL B 289 -4.25 1.02 12.28
C VAL B 289 -4.19 1.28 10.78
N ASP B 290 -2.98 1.49 10.29
CA ASP B 290 -2.73 1.77 8.88
C ASP B 290 -3.46 0.84 7.91
N ASP B 291 -3.56 -0.42 8.27
CA ASP B 291 -4.23 -1.38 7.41
C ASP B 291 -5.70 -1.10 7.23
N ASN B 292 -6.27 -0.34 8.16
CA ASN B 292 -7.67 0.00 8.02
C ASN B 292 -7.78 1.44 7.53
N LEU B 293 -6.88 2.31 7.99
CA LEU B 293 -6.89 3.72 7.59
C LEU B 293 -6.67 3.97 6.10
N TYR B 294 -5.50 3.60 5.59
CA TYR B 294 -5.21 3.84 4.19
C TYR B 294 -6.20 3.26 3.19
N PRO B 295 -6.75 2.06 3.45
CA PRO B 295 -7.69 1.65 2.41
C PRO B 295 -8.89 2.60 2.43
N GLN B 296 -9.17 3.17 3.61
CA GLN B 296 -10.29 4.09 3.76
C GLN B 296 -9.99 5.43 3.11
N LEU B 297 -8.75 5.89 3.24
CA LEU B 297 -8.35 7.14 2.61
C LEU B 297 -8.53 7.00 1.09
N GLU B 298 -8.17 5.85 0.54
CA GLU B 298 -8.32 5.61 -0.90
C GLU B 298 -9.78 5.67 -1.32
N ARG B 299 -10.64 5.05 -0.54
CA ARG B 299 -12.05 5.05 -0.88
C ARG B 299 -12.61 6.48 -0.81
N ALA B 300 -12.38 7.13 0.32
CA ALA B 300 -12.84 8.50 0.52
C ALA B 300 -12.31 9.36 -0.63
N SER B 301 -11.05 9.16 -0.98
CA SER B 301 -10.42 9.93 -2.02
C SER B 301 -11.05 9.66 -3.38
N ARG B 302 -11.34 8.38 -3.64
CA ARG B 302 -11.95 7.96 -4.90
C ARG B 302 -13.39 8.46 -5.01
N LYS B 303 -14.18 8.26 -3.97
CA LYS B 303 -15.56 8.68 -3.99
C LYS B 303 -15.70 10.16 -4.37
N ILE B 304 -14.86 10.99 -3.77
CA ILE B 304 -14.89 12.43 -4.03
C ILE B 304 -14.36 12.78 -5.41
N PHE B 305 -13.39 12.00 -5.89
CA PHE B 305 -12.82 12.23 -7.22
C PHE B 305 -13.91 11.97 -8.26
N GLU B 306 -14.68 10.90 -8.06
CA GLU B 306 -15.77 10.56 -8.99
C GLU B 306 -16.91 11.56 -8.91
N PHE B 307 -17.06 12.21 -7.76
CA PHE B 307 -18.09 13.22 -7.58
C PHE B 307 -17.67 14.41 -8.44
N LEU B 308 -16.41 14.80 -8.28
CA LEU B 308 -15.85 15.88 -9.04
C LEU B 308 -15.97 15.61 -10.53
N GLU B 309 -15.64 14.40 -10.99
CA GLU B 309 -15.77 14.19 -12.43
C GLU B 309 -17.20 14.16 -12.97
N ARG B 310 -18.15 13.55 -12.26
CA ARG B 310 -19.49 13.55 -12.81
C ARG B 310 -20.10 14.93 -12.68
N GLU B 311 -19.53 15.73 -11.79
CA GLU B 311 -20.05 17.08 -11.58
C GLU B 311 -19.37 18.07 -12.52
N ASN B 312 -18.53 17.57 -13.40
CA ASN B 312 -17.85 18.37 -14.41
C ASN B 312 -16.73 19.32 -14.01
N PHE B 313 -16.04 19.04 -12.92
CA PHE B 313 -14.96 19.93 -12.52
C PHE B 313 -13.63 19.46 -13.11
N MET B 314 -13.71 18.45 -13.97
CA MET B 314 -12.53 17.90 -14.62
C MET B 314 -11.35 17.67 -13.68
N PRO B 315 -11.49 16.71 -12.75
CA PRO B 315 -10.44 16.37 -11.79
C PRO B 315 -9.19 15.87 -12.52
N LEU B 316 -8.00 16.15 -11.98
CA LEU B 316 -6.78 15.70 -12.62
C LEU B 316 -6.27 14.45 -11.92
N ARG B 317 -5.88 14.61 -10.67
CA ARG B 317 -5.42 13.49 -9.87
C ARG B 317 -5.84 13.76 -8.44
N SER B 318 -5.71 12.74 -7.61
CA SER B 318 -6.04 12.90 -6.21
C SER B 318 -4.84 12.35 -5.42
N ALA B 319 -4.88 12.54 -4.10
CA ALA B 319 -3.82 12.06 -3.23
C ALA B 319 -4.33 12.14 -1.81
N PHE B 320 -3.51 11.70 -0.88
CA PHE B 320 -3.92 11.77 0.50
C PHE B 320 -2.72 11.64 1.40
N LYS B 321 -2.86 12.13 2.62
CA LYS B 321 -1.77 12.05 3.57
C LYS B 321 -2.31 11.96 4.98
N ALA B 322 -1.67 11.12 5.79
CA ALA B 322 -2.08 10.96 7.17
C ALA B 322 -0.98 11.51 8.06
N SER B 323 -1.35 11.95 9.25
CA SER B 323 -0.40 12.48 10.22
C SER B 323 -0.86 11.93 11.55
N GLU B 324 -0.12 12.23 12.62
CA GLU B 324 -0.49 11.77 13.95
C GLU B 324 -1.83 12.43 14.20
N GLU B 325 -1.86 13.70 13.82
CA GLU B 325 -3.00 14.59 13.97
C GLU B 325 -4.17 14.41 12.99
N PHE B 326 -4.02 14.94 11.77
CA PHE B 326 -5.08 14.89 10.77
C PHE B 326 -4.80 14.07 9.51
N CYS B 327 -5.79 14.06 8.63
CA CYS B 327 -5.72 13.37 7.35
C CYS B 327 -6.11 14.40 6.32
N TYR B 328 -5.45 14.36 5.16
CA TYR B 328 -5.76 15.31 4.10
C TYR B 328 -6.05 14.59 2.81
N LEU B 329 -7.15 14.95 2.15
CA LEU B 329 -7.51 14.38 0.87
C LEU B 329 -7.20 15.50 -0.09
N LEU B 330 -6.23 15.30 -0.97
CA LEU B 330 -5.86 16.35 -1.91
C LEU B 330 -6.44 16.20 -3.30
N PHE B 331 -6.77 17.33 -3.92
CA PHE B 331 -7.37 17.34 -5.25
C PHE B 331 -6.89 18.51 -6.11
N GLU B 332 -6.93 18.30 -7.42
CA GLU B 332 -6.56 19.33 -8.38
C GLU B 332 -7.57 19.24 -9.52
N CYS B 333 -8.22 20.36 -9.83
CA CYS B 333 -9.23 20.40 -10.88
C CYS B 333 -8.93 21.43 -11.96
N GLN B 334 -9.40 21.14 -13.17
CA GLN B 334 -9.19 22.04 -14.29
C GLN B 334 -10.19 23.17 -14.23
N ILE B 335 -11.33 22.91 -13.63
CA ILE B 335 -12.37 23.91 -13.53
C ILE B 335 -12.46 24.58 -12.15
N LYS B 336 -11.95 25.80 -12.07
CA LYS B 336 -12.00 26.58 -10.83
C LYS B 336 -13.42 27.08 -10.62
N GLU B 337 -14.14 27.27 -11.74
CA GLU B 337 -15.50 27.76 -11.67
C GLU B 337 -16.31 27.44 -12.92
N ILE B 338 -17.43 26.77 -12.73
CA ILE B 338 -18.30 26.42 -13.84
C ILE B 338 -19.55 27.29 -13.70
N SER B 339 -20.27 27.49 -14.80
CA SER B 339 -21.48 28.32 -14.76
C SER B 339 -22.61 27.68 -13.97
N ARG B 340 -23.66 28.48 -13.75
CA ARG B 340 -24.84 28.06 -13.02
C ARG B 340 -25.71 27.17 -13.92
N VAL B 341 -26.05 27.63 -15.13
CA VAL B 341 -26.86 26.83 -16.05
C VAL B 341 -26.08 25.71 -16.68
N PHE B 342 -26.78 24.59 -16.93
CA PHE B 342 -26.22 23.44 -17.62
C PHE B 342 -27.42 22.86 -18.39
N ARG B 343 -27.17 21.92 -19.29
CA ARG B 343 -28.28 21.34 -20.06
C ARG B 343 -28.61 19.88 -19.72
N ARG B 344 -29.89 19.65 -19.40
CA ARG B 344 -30.37 18.31 -19.10
C ARG B 344 -31.04 17.76 -20.35
N MET B 345 -30.72 16.53 -20.69
CA MET B 345 -31.32 15.91 -21.87
C MET B 345 -32.74 15.46 -21.55
N GLY B 346 -33.67 15.77 -22.46
CA GLY B 346 -35.05 15.38 -22.27
C GLY B 346 -35.47 14.28 -23.23
N PRO B 347 -36.78 14.00 -23.35
CA PRO B 347 -37.29 12.96 -24.23
C PRO B 347 -37.20 13.32 -25.72
N GLN B 348 -37.43 12.36 -26.60
CA GLN B 348 -37.43 12.61 -28.04
C GLN B 348 -38.75 13.29 -28.35
N PHE B 349 -38.78 14.19 -29.34
CA PHE B 349 -40.01 14.92 -29.66
C PHE B 349 -41.27 14.07 -29.85
N GLU B 350 -41.11 12.88 -30.40
CA GLU B 350 -42.26 12.02 -30.67
C GLU B 350 -42.97 11.46 -29.44
N ASP B 351 -42.26 11.36 -28.33
CA ASP B 351 -42.82 10.81 -27.11
C ASP B 351 -43.69 11.82 -26.38
N GLU B 352 -44.86 12.10 -26.95
CA GLU B 352 -45.80 13.05 -26.36
C GLU B 352 -45.99 12.89 -24.86
N ARG B 353 -46.11 11.64 -24.40
CA ARG B 353 -46.31 11.37 -22.97
C ARG B 353 -45.17 11.93 -22.12
N ASN B 354 -43.94 11.50 -22.41
CA ASN B 354 -42.82 11.99 -21.63
C ASN B 354 -42.48 13.44 -21.87
N VAL B 355 -42.73 13.92 -23.09
CA VAL B 355 -42.47 15.32 -23.38
C VAL B 355 -43.32 16.23 -22.50
N LYS B 356 -44.58 15.85 -22.28
CA LYS B 356 -45.43 16.70 -21.45
C LYS B 356 -44.96 16.69 -20.00
N LYS B 357 -44.53 15.54 -19.52
CA LYS B 357 -44.03 15.48 -18.15
C LYS B 357 -42.76 16.31 -18.07
N PHE B 358 -41.90 16.21 -19.08
CA PHE B 358 -40.66 16.97 -19.09
C PHE B 358 -40.92 18.46 -19.12
N LEU B 359 -41.93 18.87 -19.88
CA LEU B 359 -42.24 20.30 -19.99
C LEU B 359 -43.08 20.79 -18.80
N SER B 360 -43.60 19.88 -17.98
CA SER B 360 -44.43 20.29 -16.85
C SER B 360 -43.60 20.84 -15.69
N ARG B 361 -42.30 20.56 -15.72
CA ARG B 361 -41.40 21.08 -14.69
C ARG B 361 -41.26 22.58 -14.86
N ASN B 362 -41.53 23.34 -13.82
CA ASN B 362 -41.38 24.78 -13.95
C ASN B 362 -39.89 25.09 -13.86
N ARG B 363 -39.34 25.64 -14.92
CA ARG B 363 -37.93 25.98 -14.96
C ARG B 363 -37.79 27.46 -15.21
N ALA B 364 -36.61 27.99 -14.91
CA ALA B 364 -36.37 29.41 -15.08
C ALA B 364 -36.18 29.80 -16.54
N PHE B 365 -35.61 28.89 -17.34
CA PHE B 365 -35.34 29.24 -18.71
C PHE B 365 -36.06 28.67 -19.92
N ARG B 366 -37.15 27.92 -19.77
CA ARG B 366 -37.83 27.48 -20.99
C ARG B 366 -36.99 26.50 -21.84
N PRO B 367 -37.41 25.23 -21.88
CA PRO B 367 -36.69 24.22 -22.66
C PRO B 367 -36.76 24.40 -24.18
N PHE B 368 -35.83 23.76 -24.89
CA PHE B 368 -35.77 23.87 -26.34
C PHE B 368 -35.55 22.52 -27.01
N ILE B 369 -35.68 22.50 -28.34
CA ILE B 369 -35.50 21.32 -29.16
C ILE B 369 -34.17 21.42 -29.91
N GLU B 370 -33.48 20.29 -30.05
CA GLU B 370 -32.20 20.25 -30.75
C GLU B 370 -31.94 18.83 -31.23
N ASN B 371 -31.89 18.69 -32.55
CA ASN B 371 -31.67 17.40 -33.19
C ASN B 371 -32.64 16.31 -32.74
N GLY B 372 -33.92 16.64 -32.79
CA GLY B 372 -34.93 15.65 -32.45
C GLY B 372 -35.37 15.54 -31.01
N ARG B 373 -34.55 15.98 -30.06
CA ARG B 373 -35.02 15.87 -28.69
C ARG B 373 -35.09 17.17 -27.94
N TRP B 374 -35.80 17.12 -26.81
CA TRP B 374 -35.97 18.28 -25.98
C TRP B 374 -34.83 18.38 -25.00
N TRP B 375 -34.51 19.60 -24.63
CA TRP B 375 -33.45 19.85 -23.68
C TRP B 375 -33.94 20.94 -22.76
N ALA B 376 -33.36 20.98 -21.57
CA ALA B 376 -33.73 21.98 -20.61
C ALA B 376 -32.48 22.58 -19.98
N PHE B 377 -32.57 23.86 -19.65
CA PHE B 377 -31.50 24.56 -18.97
C PHE B 377 -31.87 24.40 -17.51
N GLU B 378 -30.88 24.12 -16.68
CA GLU B 378 -31.13 23.96 -15.26
C GLU B 378 -30.03 24.74 -14.54
N MET B 379 -30.22 24.96 -13.26
CA MET B 379 -29.26 25.71 -12.45
C MET B 379 -28.59 24.77 -11.45
N ARG B 380 -27.31 25.01 -11.18
CA ARG B 380 -26.57 24.17 -10.24
C ARG B 380 -26.71 24.69 -8.82
N LYS B 381 -26.35 23.82 -7.86
CA LYS B 381 -26.41 24.19 -6.46
C LYS B 381 -25.06 24.73 -6.01
N PHE B 382 -24.05 24.53 -6.83
CA PHE B 382 -22.70 25.00 -6.51
C PHE B 382 -21.94 25.21 -7.81
N THR B 383 -20.97 26.12 -7.80
CA THR B 383 -20.22 26.40 -9.02
C THR B 383 -18.71 26.33 -8.91
N THR B 384 -18.21 25.82 -7.79
CA THR B 384 -16.76 25.66 -7.62
C THR B 384 -16.56 24.28 -7.01
N PRO B 385 -15.44 23.61 -7.33
CA PRO B 385 -15.19 22.28 -6.78
C PRO B 385 -15.28 22.28 -5.26
N GLU B 386 -14.59 23.22 -4.64
CA GLU B 386 -14.57 23.34 -3.18
C GLU B 386 -16.00 23.37 -2.66
N GLU B 387 -16.81 24.19 -3.31
CA GLU B 387 -18.21 24.35 -2.95
C GLU B 387 -18.92 23.01 -3.12
N GLY B 388 -18.60 22.29 -4.18
CA GLY B 388 -19.23 21.01 -4.40
C GLY B 388 -18.84 19.96 -3.36
N VAL B 389 -17.55 19.85 -3.07
CA VAL B 389 -17.09 18.85 -2.11
C VAL B 389 -17.63 19.11 -0.71
N ARG B 390 -17.89 20.38 -0.39
CA ARG B 390 -18.41 20.75 0.93
C ARG B 390 -19.82 20.20 1.05
N SER B 391 -20.53 20.22 -0.06
CA SER B 391 -21.88 19.71 -0.07
C SER B 391 -21.79 18.19 0.01
N TYR B 392 -21.00 17.62 -0.89
CA TYR B 392 -20.84 16.18 -0.98
C TYR B 392 -20.37 15.53 0.30
N ALA B 393 -19.26 16.01 0.84
CA ALA B 393 -18.70 15.46 2.07
C ALA B 393 -19.69 15.56 3.24
N SER B 394 -20.48 16.61 3.26
CA SER B 394 -21.44 16.84 4.34
C SER B 394 -22.63 15.88 4.33
N THR B 395 -23.00 15.39 3.17
CA THR B 395 -24.15 14.50 3.10
C THR B 395 -23.80 13.06 2.76
N HIS B 396 -22.57 12.82 2.30
CA HIS B 396 -22.17 11.47 1.95
C HIS B 396 -20.99 10.99 2.77
N TRP B 397 -20.82 11.58 3.95
CA TRP B 397 -19.73 11.18 4.82
C TRP B 397 -19.79 9.66 5.08
N HIS B 398 -21.00 9.11 5.09
CA HIS B 398 -21.16 7.69 5.36
C HIS B 398 -20.64 6.74 4.28
N THR B 399 -20.27 7.28 3.11
CA THR B 399 -19.77 6.41 2.05
C THR B 399 -18.27 6.58 1.86
N LEU B 400 -17.61 7.23 2.80
CA LEU B 400 -16.18 7.44 2.66
C LEU B 400 -15.38 6.56 3.61
N GLY B 401 -15.87 5.35 3.83
CA GLY B 401 -15.19 4.44 4.73
C GLY B 401 -15.86 4.56 6.08
N LYS B 402 -15.97 3.44 6.80
CA LYS B 402 -16.62 3.42 8.10
C LYS B 402 -16.00 4.40 9.10
N ASN B 403 -14.69 4.39 9.25
CA ASN B 403 -14.04 5.28 10.22
C ASN B 403 -13.77 6.69 9.71
N VAL B 404 -13.19 6.77 8.52
CA VAL B 404 -12.89 8.05 7.91
C VAL B 404 -14.17 8.85 7.76
N GLY B 405 -15.23 8.16 7.34
CA GLY B 405 -16.51 8.82 7.16
C GLY B 405 -17.12 9.31 8.46
N GLU B 406 -16.96 8.53 9.52
CA GLU B 406 -17.50 8.92 10.82
C GLU B 406 -16.74 10.13 11.34
N SER B 407 -15.46 10.20 11.00
CA SER B 407 -14.64 11.33 11.43
C SER B 407 -15.03 12.58 10.66
N ILE B 408 -15.21 12.43 9.34
CA ILE B 408 -15.60 13.54 8.47
C ILE B 408 -16.92 14.14 8.94
N ARG B 409 -17.85 13.27 9.35
CA ARG B 409 -19.16 13.70 9.84
C ARG B 409 -19.07 14.63 11.05
N GLU B 410 -18.17 14.36 11.98
CA GLU B 410 -18.05 15.19 13.17
C GLU B 410 -17.21 16.43 12.95
N TYR B 411 -16.38 16.41 11.91
CA TYR B 411 -15.53 17.55 11.60
C TYR B 411 -14.71 17.41 10.33
N PHE B 412 -14.68 18.47 9.53
CA PHE B 412 -13.88 18.51 8.32
C PHE B 412 -13.96 19.91 7.74
N GLU B 413 -12.86 20.40 7.19
CA GLU B 413 -12.84 21.71 6.57
C GLU B 413 -12.19 21.58 5.20
N ILE B 414 -12.34 22.60 4.38
CA ILE B 414 -11.76 22.60 3.06
C ILE B 414 -10.73 23.71 2.95
N ILE B 415 -9.47 23.34 2.76
CA ILE B 415 -8.38 24.29 2.65
C ILE B 415 -7.94 24.43 1.20
N SER B 416 -7.40 25.60 0.85
CA SER B 416 -6.92 25.89 -0.48
C SER B 416 -6.04 27.10 -0.32
N GLY B 417 -5.59 27.68 -1.42
CA GLY B 417 -4.74 28.86 -1.34
C GLY B 417 -3.50 28.69 -0.47
N GLU B 418 -2.93 29.81 -0.04
CA GLU B 418 -1.73 29.81 0.80
C GLU B 418 -1.96 28.99 2.06
N LYS B 419 -3.19 29.04 2.57
CA LYS B 419 -3.53 28.31 3.77
C LYS B 419 -3.17 26.83 3.63
N LEU B 420 -3.36 26.28 2.43
CA LEU B 420 -3.06 24.87 2.18
C LEU B 420 -1.55 24.60 2.11
N PHE B 421 -0.84 25.48 1.42
CA PHE B 421 0.61 25.35 1.26
C PHE B 421 1.38 25.35 2.58
N LYS B 422 0.70 25.57 3.68
CA LYS B 422 1.38 25.58 4.98
C LYS B 422 1.14 24.26 5.71
N GLU B 423 0.14 23.52 5.27
CA GLU B 423 -0.16 22.23 5.86
C GLU B 423 0.97 21.27 5.47
N PRO B 424 1.08 20.14 6.18
CA PRO B 424 2.12 19.13 5.91
C PRO B 424 1.81 18.27 4.68
N VAL B 425 1.50 18.91 3.55
CA VAL B 425 1.12 18.13 2.37
C VAL B 425 1.87 18.48 1.09
N THR B 426 2.83 19.39 1.18
CA THR B 426 3.57 19.83 0.01
C THR B 426 4.20 18.68 -0.75
N ALA B 427 4.75 17.71 -0.02
CA ALA B 427 5.38 16.56 -0.66
C ALA B 427 4.37 15.86 -1.56
N GLU B 428 3.23 15.48 -0.98
CA GLU B 428 2.18 14.81 -1.74
C GLU B 428 1.73 15.68 -2.93
N LEU B 429 1.63 16.98 -2.72
CA LEU B 429 1.21 17.90 -3.77
C LEU B 429 2.18 17.94 -4.94
N CYS B 430 3.48 17.95 -4.64
CA CYS B 430 4.47 17.98 -5.71
C CYS B 430 4.41 16.70 -6.51
N GLU B 431 4.26 15.58 -5.80
CA GLU B 431 4.18 14.28 -6.44
C GLU B 431 2.97 14.26 -7.37
N MET B 432 1.85 14.73 -6.84
CA MET B 432 0.58 14.78 -7.56
C MET B 432 0.63 15.62 -8.85
N MET B 433 1.40 16.71 -8.83
CA MET B 433 1.48 17.57 -9.99
C MET B 433 2.65 17.32 -10.90
N GLY B 434 3.49 16.38 -10.53
CA GLY B 434 4.66 16.08 -11.34
C GLY B 434 5.64 17.23 -11.30
N VAL B 435 5.69 17.92 -10.16
CA VAL B 435 6.64 19.02 -10.03
C VAL B 435 7.98 18.34 -10.09
N LYS B 436 8.88 18.81 -10.93
CA LYS B 436 10.20 18.18 -10.96
C LYS B 436 11.25 19.08 -10.35
N ASP B 437 12.52 18.75 -10.57
CA ASP B 437 13.64 19.53 -10.01
C ASP B 437 13.99 19.01 -8.61
#